data_4P7M
#
_entry.id   4P7M
#
_cell.length_a   79.036
_cell.length_b   79.750
_cell.length_c   97.082
_cell.angle_alpha   90.000
_cell.angle_beta   90.000
_cell.angle_gamma   90.000
#
_symmetry.space_group_name_H-M   'I 2 2 2'
#
loop_
_entity.id
_entity.type
_entity.pdbx_description
1 polymer 'Macrophage migration inhibitory factor-like protein'
2 non-polymer 3-[(2-methyl-6-phenylpyridin-4-yl)oxy]phenol
#
_entity_poly.entity_id   1
_entity_poly.type   'polypeptide(L)'
_entity_poly.pdbx_seq_one_letter_code
;PCCEVITNVNLPDDNVQSTLSQIENAISDVMGKPLGYIMSNYDYQKNLRFGGSNEAYCFVRITSIGGINRSNNSALADQI
TKLLVSNLNVKSRRIYVEFRDCSAQNFAFSGSLF
;
_entity_poly.pdbx_strand_id   A,B,C
#
loop_
_chem_comp.id
_chem_comp.type
_chem_comp.name
_chem_comp.formula
2OE non-polymer 3-[(2-methyl-6-phenylpyridin-4-yl)oxy]phenol 'C18 H15 N O2'
#
# COMPACT_ATOMS: atom_id res chain seq x y z
N PRO A 1 2.47 -13.48 -7.31
CA PRO A 1 2.82 -13.11 -5.93
C PRO A 1 3.17 -11.63 -5.82
N CYS A 2 3.38 -11.17 -4.58
CA CYS A 2 3.70 -9.82 -4.36
C CYS A 2 4.40 -9.87 -3.01
N CYS A 3 5.62 -9.35 -2.93
CA CYS A 3 6.27 -9.11 -1.65
C CYS A 3 6.41 -7.61 -1.43
N GLU A 4 5.91 -7.11 -0.31
CA GLU A 4 6.11 -5.72 0.02
C GLU A 4 6.72 -5.59 1.38
N VAL A 5 7.85 -4.89 1.41
CA VAL A 5 8.58 -4.52 2.62
C VAL A 5 8.17 -3.11 3.01
N ILE A 6 7.61 -2.95 4.21
CA ILE A 6 7.13 -1.65 4.68
C ILE A 6 7.90 -1.27 5.93
N THR A 7 8.65 -0.17 5.84
CA THR A 7 9.69 0.15 6.82
C THR A 7 10.04 1.66 6.95
N ASN A 8 10.35 2.07 8.17
CA ASN A 8 10.85 3.42 8.46
C ASN A 8 12.39 3.51 8.31
N VAL A 9 13.02 2.40 7.92
CA VAL A 9 14.43 2.36 7.63
C VAL A 9 14.69 2.88 6.21
N ASN A 10 15.44 3.97 6.09
CA ASN A 10 15.77 4.54 4.77
C ASN A 10 17.07 3.95 4.23
N LEU A 11 16.98 3.31 3.06
CA LEU A 11 18.15 2.80 2.33
C LEU A 11 18.33 3.49 0.98
N PRO A 12 19.58 3.60 0.51
CA PRO A 12 19.81 4.11 -0.85
C PRO A 12 19.25 3.15 -1.88
N ASP A 13 18.90 3.66 -3.05
CA ASP A 13 18.25 2.85 -4.09
C ASP A 13 19.06 1.61 -4.53
N ASP A 14 20.37 1.76 -4.72
CA ASP A 14 21.26 0.63 -5.10
C ASP A 14 21.07 -0.53 -4.10
N ASN A 15 21.02 -0.20 -2.81
CA ASN A 15 20.79 -1.19 -1.74
C ASN A 15 19.39 -1.77 -1.65
N VAL A 16 18.39 -0.92 -1.80
CA VAL A 16 17.01 -1.37 -1.88
C VAL A 16 16.85 -2.44 -2.99
N GLN A 17 17.35 -2.14 -4.17
CA GLN A 17 17.22 -3.03 -5.30
C GLN A 17 17.88 -4.39 -5.07
N SER A 18 19.10 -4.39 -4.51
CA SER A 18 19.78 -5.63 -4.08
C SER A 18 18.93 -6.47 -3.16
N THR A 19 18.42 -5.82 -2.11
CA THR A 19 17.64 -6.49 -1.08
C THR A 19 16.43 -7.13 -1.71
N LEU A 20 15.72 -6.36 -2.53
CA LEU A 20 14.53 -6.88 -3.19
C LEU A 20 14.88 -8.09 -4.10
N SER A 21 15.98 -7.98 -4.84
CA SER A 21 16.46 -9.04 -5.69
C SER A 21 16.73 -10.31 -4.87
N GLN A 22 17.38 -10.15 -3.72
CA GLN A 22 17.66 -11.28 -2.84
C GLN A 22 16.40 -11.98 -2.32
N ILE A 23 15.35 -11.22 -2.05
CA ILE A 23 14.09 -11.76 -1.57
C ILE A 23 13.40 -12.53 -2.68
N GLU A 24 13.36 -11.96 -3.89
CA GLU A 24 12.70 -12.62 -5.03
C GLU A 24 13.35 -13.93 -5.26
N ASN A 25 14.68 -13.96 -5.20
CA ASN A 25 15.45 -15.19 -5.27
C ASN A 25 14.95 -16.14 -4.20
N ALA A 26 14.89 -15.67 -2.95
CA ALA A 26 14.38 -16.48 -1.83
C ALA A 26 13.01 -17.06 -2.13
N ILE A 27 12.04 -16.20 -2.36
CA ILE A 27 10.71 -16.71 -2.65
C ILE A 27 10.81 -17.82 -3.72
N SER A 28 11.42 -17.45 -4.84
CA SER A 28 11.64 -18.35 -5.96
C SER A 28 12.24 -19.67 -5.52
N ASP A 29 13.33 -19.66 -4.78
CA ASP A 29 13.98 -20.89 -4.36
C ASP A 29 13.11 -21.74 -3.41
N VAL A 30 12.85 -21.19 -2.24
CA VAL A 30 12.11 -21.88 -1.18
C VAL A 30 10.69 -22.35 -1.57
N MET A 31 9.98 -21.58 -2.39
CA MET A 31 8.58 -21.88 -2.78
C MET A 31 8.44 -22.52 -4.17
N GLY A 32 9.53 -22.56 -4.93
CA GLY A 32 9.49 -23.07 -6.29
C GLY A 32 8.48 -22.35 -7.16
N LYS A 33 7.99 -21.22 -6.73
CA LYS A 33 7.14 -20.43 -7.58
C LYS A 33 7.97 -19.73 -8.64
N PRO A 34 7.38 -19.61 -9.83
CA PRO A 34 7.97 -19.01 -11.03
C PRO A 34 8.62 -17.68 -10.76
N LEU A 35 9.84 -17.57 -11.19
CA LEU A 35 10.60 -16.34 -11.03
C LEU A 35 10.17 -15.39 -12.12
N GLY A 36 10.47 -14.10 -11.94
CA GLY A 36 10.04 -13.09 -12.88
C GLY A 36 8.58 -12.75 -12.67
N TYR A 37 7.82 -13.74 -12.21
CA TYR A 37 6.39 -13.54 -11.92
C TYR A 37 6.20 -13.17 -10.45
N ILE A 38 6.56 -11.93 -10.12
CA ILE A 38 6.48 -11.47 -8.80
C ILE A 38 6.65 -10.00 -8.89
N MET A 39 5.87 -9.27 -8.13
CA MET A 39 6.16 -7.92 -7.78
C MET A 39 6.88 -7.94 -6.48
N SER A 40 7.81 -7.03 -6.31
CA SER A 40 8.35 -6.75 -4.98
C SER A 40 8.35 -5.25 -4.85
N ASN A 41 8.24 -4.76 -3.63
CA ASN A 41 8.40 -3.33 -3.38
C ASN A 41 8.94 -3.00 -2.01
N TYR A 42 9.66 -1.90 -1.94
CA TYR A 42 10.19 -1.36 -0.68
C TYR A 42 9.56 0.02 -0.44
N ASP A 43 8.63 0.08 0.50
CA ASP A 43 7.85 1.30 0.82
C ASP A 43 8.35 2.00 2.10
N TYR A 44 9.01 3.14 1.90
CA TYR A 44 9.55 3.93 3.00
C TYR A 44 8.50 4.82 3.71
N GLN A 45 8.17 4.45 4.95
CA GLN A 45 7.25 5.22 5.79
C GLN A 45 7.96 5.59 7.07
N LYS A 46 8.65 6.73 7.07
CA LYS A 46 9.41 7.22 8.23
C LYS A 46 8.62 7.21 9.57
N ASN A 47 7.33 7.53 9.50
CA ASN A 47 6.45 7.60 10.68
C ASN A 47 5.83 6.27 11.09
N LEU A 48 6.32 5.17 10.50
CA LEU A 48 5.81 3.84 10.81
C LEU A 48 6.17 3.51 12.25
N ARG A 49 5.18 3.03 13.02
CA ARG A 49 5.36 2.61 14.40
C ARG A 49 5.03 1.13 14.63
N PHE A 50 5.68 0.55 15.62
CA PHE A 50 5.27 -0.72 16.20
C PHE A 50 5.61 -0.73 17.68
N GLY A 51 4.69 -1.27 18.47
CA GLY A 51 4.90 -1.36 19.91
C GLY A 51 4.90 -0.02 20.62
N GLY A 52 4.21 0.95 20.04
CA GLY A 52 4.23 2.34 20.50
C GLY A 52 5.45 3.16 20.12
N SER A 53 6.31 2.64 19.26
CA SER A 53 7.65 3.17 19.04
C SER A 53 7.99 3.29 17.55
N ASN A 54 8.64 4.40 17.18
CA ASN A 54 9.02 4.70 15.81
C ASN A 54 10.48 4.28 15.46
N GLU A 55 11.10 3.46 16.32
CA GLU A 55 12.44 2.88 16.07
C GLU A 55 12.41 2.00 14.86
N ALA A 56 13.58 1.66 14.30
CA ALA A 56 13.64 0.82 13.13
C ALA A 56 12.70 -0.38 13.18
N TYR A 57 12.04 -0.71 12.07
CA TYR A 57 11.07 -1.82 12.03
C TYR A 57 10.70 -2.20 10.58
N CYS A 58 10.37 -3.48 10.37
CA CYS A 58 10.01 -4.00 9.04
C CYS A 58 8.73 -4.83 9.07
N PHE A 59 7.73 -4.42 8.31
CA PHE A 59 6.56 -5.25 8.03
C PHE A 59 6.71 -5.78 6.61
N VAL A 60 6.57 -7.09 6.43
CA VAL A 60 6.68 -7.70 5.12
C VAL A 60 5.39 -8.42 4.85
N ARG A 61 4.63 -7.93 3.87
CA ARG A 61 3.47 -8.66 3.40
C ARG A 61 3.93 -9.52 2.21
N ILE A 62 3.66 -10.83 2.28
CA ILE A 62 3.78 -11.73 1.13
C ILE A 62 2.33 -12.12 0.77
N THR A 63 1.95 -11.90 -0.49
CA THR A 63 0.58 -12.12 -0.97
C THR A 63 0.53 -13.23 -2.02
N SER A 64 -0.47 -14.12 -1.97
CA SER A 64 -0.66 -15.17 -2.99
C SER A 64 0.37 -16.31 -2.87
N SER A 71 5.50 -25.13 7.48
CA SER A 71 5.56 -25.72 6.14
C SER A 71 6.91 -25.26 5.57
N ASN A 72 6.99 -25.10 4.24
CA ASN A 72 8.11 -24.39 3.62
C ASN A 72 8.21 -23.03 4.23
N ASN A 73 7.08 -22.46 4.69
CA ASN A 73 6.99 -21.03 5.01
C ASN A 73 7.99 -20.45 6.00
N SER A 74 8.38 -21.24 7.00
CA SER A 74 9.41 -20.81 7.96
C SER A 74 10.80 -20.64 7.32
N ALA A 75 11.15 -21.55 6.42
CA ALA A 75 12.42 -21.49 5.69
C ALA A 75 12.49 -20.16 4.94
N LEU A 76 11.37 -19.72 4.37
CA LEU A 76 11.28 -18.42 3.70
C LEU A 76 11.38 -17.31 4.73
N ALA A 77 10.48 -17.28 5.68
CA ALA A 77 10.49 -16.23 6.70
C ALA A 77 11.90 -16.03 7.30
N ASP A 78 12.50 -17.12 7.74
CA ASP A 78 13.86 -17.15 8.28
C ASP A 78 14.87 -16.48 7.34
N GLN A 79 14.89 -16.94 6.10
CA GLN A 79 15.85 -16.50 5.08
C GLN A 79 15.71 -15.01 4.81
N ILE A 80 14.47 -14.53 4.80
CA ILE A 80 14.14 -13.11 4.64
C ILE A 80 14.60 -12.29 5.84
N THR A 81 14.30 -12.78 7.03
CA THR A 81 14.69 -12.16 8.27
C THR A 81 16.22 -11.94 8.38
N LYS A 82 17.04 -12.86 7.84
CA LYS A 82 18.51 -12.65 7.78
C LYS A 82 18.78 -11.44 6.91
N LEU A 83 18.29 -11.48 5.67
CA LEU A 83 18.54 -10.44 4.69
C LEU A 83 18.24 -9.04 5.22
N LEU A 84 17.04 -8.88 5.79
CA LEU A 84 16.64 -7.59 6.35
C LEU A 84 17.47 -7.15 7.55
N VAL A 85 17.68 -8.04 8.50
CA VAL A 85 18.58 -7.74 9.63
C VAL A 85 19.97 -7.31 9.17
N SER A 86 20.50 -8.02 8.17
CA SER A 86 21.84 -7.76 7.66
C SER A 86 21.89 -6.48 6.84
N ASN A 87 20.98 -6.35 5.88
CA ASN A 87 20.98 -5.19 4.96
C ASN A 87 20.38 -3.95 5.53
N LEU A 88 19.46 -4.08 6.47
CA LEU A 88 18.82 -2.91 7.05
C LEU A 88 19.36 -2.54 8.42
N ASN A 89 20.26 -3.35 8.96
CA ASN A 89 20.81 -3.11 10.30
C ASN A 89 19.66 -2.83 11.29
N VAL A 90 18.71 -3.77 11.38
CA VAL A 90 17.54 -3.67 12.26
C VAL A 90 17.55 -4.89 13.19
N LYS A 91 16.98 -4.77 14.39
CA LYS A 91 16.93 -5.91 15.31
C LYS A 91 15.86 -6.90 14.81
N SER A 92 16.15 -8.20 14.92
CA SER A 92 15.20 -9.23 14.44
C SER A 92 13.92 -9.28 15.26
N ARG A 93 13.96 -8.69 16.45
CA ARG A 93 12.77 -8.59 17.28
C ARG A 93 11.87 -7.48 16.77
N ARG A 94 12.30 -6.80 15.71
CA ARG A 94 11.54 -5.72 15.11
C ARG A 94 11.23 -6.00 13.64
N ILE A 95 10.99 -7.28 13.34
CA ILE A 95 10.67 -7.72 11.96
C ILE A 95 9.49 -8.71 11.93
N TYR A 96 8.34 -8.25 11.44
CA TYR A 96 7.14 -9.09 11.38
C TYR A 96 6.99 -9.47 9.91
N VAL A 97 6.71 -10.74 9.66
CA VAL A 97 6.55 -11.31 8.31
C VAL A 97 5.14 -11.86 8.21
N GLU A 98 4.33 -11.26 7.34
CA GLU A 98 2.94 -11.56 7.20
C GLU A 98 2.69 -12.24 5.83
N PHE A 99 2.12 -13.45 5.86
CA PHE A 99 1.64 -14.13 4.67
C PHE A 99 0.13 -13.86 4.60
N ARG A 100 -0.34 -13.33 3.46
CA ARG A 100 -1.66 -12.74 3.36
C ARG A 100 -2.43 -13.23 2.13
N ASP A 101 -3.71 -13.51 2.33
CA ASP A 101 -4.67 -13.67 1.25
C ASP A 101 -5.93 -12.85 1.57
N ASN A 106 -12.87 -11.52 -7.81
CA ASN A 106 -11.52 -11.15 -8.31
C ASN A 106 -11.24 -11.50 -9.82
N PHE A 107 -10.69 -10.57 -10.60
CA PHE A 107 -10.34 -10.79 -12.03
C PHE A 107 -9.05 -10.01 -12.45
N ALA A 108 -8.17 -10.62 -13.26
CA ALA A 108 -6.80 -10.11 -13.54
C ALA A 108 -6.50 -10.06 -15.04
N PHE A 109 -5.65 -9.11 -15.45
CA PHE A 109 -5.32 -8.83 -16.88
C PHE A 109 -3.92 -8.27 -17.03
N SER A 110 -3.24 -8.64 -18.11
CA SER A 110 -2.06 -7.89 -18.53
C SER A 110 -2.50 -6.84 -19.57
N GLY A 111 -1.76 -5.73 -19.63
CA GLY A 111 -1.96 -4.70 -20.66
C GLY A 111 -1.53 -5.02 -22.10
N SER A 112 -0.77 -6.10 -22.29
CA SER A 112 -0.44 -6.60 -23.63
C SER A 112 -1.64 -7.31 -24.29
N LEU A 113 -2.62 -7.73 -23.52
CA LEU A 113 -3.85 -8.26 -24.08
C LEU A 113 -4.71 -7.16 -24.69
N PHE A 114 -4.23 -5.92 -24.68
CA PHE A 114 -5.00 -4.81 -25.20
C PHE A 114 -4.15 -3.94 -26.09
N PRO B 1 -3.00 -6.91 14.30
CA PRO B 1 -3.35 -5.53 14.64
C PRO B 1 -2.58 -4.53 13.79
N CYS B 2 -3.30 -3.77 12.97
CA CYS B 2 -2.68 -2.78 12.12
C CYS B 2 -3.64 -1.65 11.77
N CYS B 3 -3.26 -0.40 12.05
CA CYS B 3 -4.01 0.76 11.55
C CYS B 3 -3.19 1.55 10.54
N GLU B 4 -3.76 1.83 9.38
CA GLU B 4 -3.11 2.71 8.42
C GLU B 4 -4.06 3.86 8.02
N VAL B 5 -3.56 5.08 8.22
CA VAL B 5 -4.20 6.33 7.81
C VAL B 5 -3.62 6.76 6.48
N ILE B 6 -4.45 6.89 5.44
CA ILE B 6 -3.98 7.26 4.10
C ILE B 6 -4.62 8.58 3.73
N THR B 7 -3.78 9.61 3.52
CA THR B 7 -4.25 10.99 3.43
C THR B 7 -3.32 11.94 2.61
N ASN B 8 -3.93 12.88 1.91
CA ASN B 8 -3.21 13.98 1.21
C ASN B 8 -2.93 15.16 2.16
N VAL B 9 -3.35 15.04 3.42
CA VAL B 9 -3.10 16.04 4.43
C VAL B 9 -1.70 15.86 4.96
N ASN B 10 -0.84 16.87 4.77
CA ASN B 10 0.52 16.83 5.27
C ASN B 10 0.60 17.40 6.67
N LEU B 11 1.05 16.58 7.62
CA LEU B 11 1.33 17.02 8.97
C LEU B 11 2.82 16.87 9.28
N PRO B 12 3.34 17.71 10.19
CA PRO B 12 4.73 17.54 10.67
C PRO B 12 4.87 16.24 11.47
N ASP B 13 6.07 15.67 11.50
CA ASP B 13 6.30 14.36 12.13
C ASP B 13 5.91 14.28 13.60
N ASP B 14 6.24 15.30 14.38
CA ASP B 14 5.87 15.38 15.79
C ASP B 14 4.37 15.21 15.93
N ASN B 15 3.61 15.86 15.07
CA ASN B 15 2.14 15.75 15.06
C ASN B 15 1.54 14.44 14.55
N VAL B 16 2.15 13.90 13.50
CA VAL B 16 1.80 12.57 13.03
C VAL B 16 1.94 11.54 14.15
N GLN B 17 3.08 11.55 14.82
CA GLN B 17 3.33 10.59 15.89
C GLN B 17 2.33 10.72 17.03
N SER B 18 2.03 11.95 17.41
CA SER B 18 0.96 12.22 18.35
C SER B 18 -0.38 11.54 17.95
N THR B 19 -0.83 11.81 16.74
CA THR B 19 -2.11 11.30 16.23
C THR B 19 -2.15 9.80 16.21
N LEU B 20 -1.06 9.20 15.75
CA LEU B 20 -0.98 7.74 15.72
C LEU B 20 -1.04 7.15 17.15
N SER B 21 -0.34 7.78 18.08
CA SER B 21 -0.39 7.38 19.48
C SER B 21 -1.82 7.43 20.03
N GLN B 22 -2.56 8.50 19.72
CA GLN B 22 -3.95 8.62 20.13
C GLN B 22 -4.86 7.52 19.57
N ILE B 23 -4.60 7.10 18.34
CA ILE B 23 -5.38 6.02 17.70
C ILE B 23 -5.07 4.66 18.32
N GLU B 24 -3.79 4.39 18.55
CA GLU B 24 -3.39 3.15 19.19
C GLU B 24 -4.08 3.03 20.54
N ASN B 25 -4.11 4.14 21.28
CA ASN B 25 -4.83 4.19 22.55
C ASN B 25 -6.29 3.83 22.35
N ALA B 26 -6.91 4.44 21.35
CA ALA B 26 -8.29 4.13 20.99
C ALA B 26 -8.48 2.65 20.71
N ILE B 27 -7.75 2.14 19.72
CA ILE B 27 -7.83 0.73 19.35
C ILE B 27 -7.60 -0.16 20.56
N SER B 28 -6.75 0.30 21.47
CA SER B 28 -6.44 -0.45 22.69
C SER B 28 -7.62 -0.40 23.66
N ASP B 29 -8.09 0.80 23.96
CA ASP B 29 -9.21 0.98 24.86
C ASP B 29 -10.45 0.23 24.37
N VAL B 30 -10.98 0.66 23.23
CA VAL B 30 -12.16 0.02 22.65
C VAL B 30 -11.81 -1.30 22.00
N LYS B 33 -7.15 -5.38 23.43
CA LYS B 33 -5.97 -5.85 24.09
C LYS B 33 -5.05 -4.70 24.38
N PRO B 34 -3.79 -5.00 24.58
CA PRO B 34 -2.78 -3.97 24.84
C PRO B 34 -1.98 -3.59 23.60
N LEU B 35 -1.25 -2.49 23.73
CA LEU B 35 -0.63 -1.84 22.56
C LEU B 35 0.79 -2.25 22.11
N GLY B 36 1.33 -3.32 22.64
CA GLY B 36 2.66 -3.73 22.22
C GLY B 36 2.57 -4.64 21.04
N TYR B 37 1.40 -5.20 20.84
CA TYR B 37 1.19 -6.01 19.66
C TYR B 37 0.40 -5.31 18.55
N ILE B 38 0.97 -4.21 18.05
CA ILE B 38 0.31 -3.38 17.03
C ILE B 38 1.21 -2.45 16.21
N MET B 39 0.77 -2.22 14.98
CA MET B 39 1.36 -1.32 14.00
C MET B 39 0.40 -0.22 13.66
N SER B 40 0.92 0.97 13.48
CA SER B 40 0.14 2.06 12.91
C SER B 40 1.00 2.83 11.93
N ASN B 41 0.40 3.44 10.93
CA ASN B 41 1.15 4.25 9.97
C ASN B 41 0.32 5.37 9.38
N TYR B 42 1.01 6.44 9.05
CA TYR B 42 0.42 7.61 8.44
C TYR B 42 1.09 7.76 7.09
N ASP B 43 0.37 7.41 6.02
CA ASP B 43 0.89 7.42 4.65
C ASP B 43 0.43 8.70 3.88
N TYR B 44 1.36 9.63 3.67
CA TYR B 44 1.10 10.84 2.92
C TYR B 44 1.13 10.65 1.35
N GLN B 45 -0.06 10.73 0.75
CA GLN B 45 -0.22 10.66 -0.70
C GLN B 45 -0.88 11.94 -1.19
N LYS B 46 -0.07 12.96 -1.50
CA LYS B 46 -0.57 14.29 -1.91
C LYS B 46 -1.61 14.25 -3.04
N ASN B 47 -1.43 13.31 -3.95
CA ASN B 47 -2.34 13.18 -5.09
C ASN B 47 -3.58 12.31 -4.84
N LEU B 48 -3.85 11.98 -3.58
CA LEU B 48 -5.02 11.21 -3.21
C LEU B 48 -6.29 12.02 -3.48
N ARG B 49 -7.25 11.40 -4.16
CA ARG B 49 -8.55 12.04 -4.49
C ARG B 49 -9.73 11.26 -3.91
N PHE B 50 -10.81 11.98 -3.69
CA PHE B 50 -12.11 11.39 -3.41
C PHE B 50 -13.20 12.32 -3.90
N GLY B 51 -14.22 11.74 -4.52
CA GLY B 51 -15.31 12.51 -5.08
C GLY B 51 -14.94 13.38 -6.26
N GLY B 52 -13.92 12.97 -7.02
CA GLY B 52 -13.36 13.77 -8.09
C GLY B 52 -12.51 14.96 -7.65
N SER B 53 -12.11 15.01 -6.38
CA SER B 53 -11.48 16.21 -5.76
C SER B 53 -10.28 15.87 -4.86
N ASN B 54 -9.21 16.67 -4.96
CA ASN B 54 -7.93 16.46 -4.25
C ASN B 54 -7.85 17.26 -2.93
N GLU B 55 -9.00 17.78 -2.49
CA GLU B 55 -9.13 18.47 -1.21
C GLU B 55 -8.87 17.47 -0.09
N ALA B 56 -8.59 17.98 1.10
CA ALA B 56 -8.23 17.13 2.24
C ALA B 56 -9.19 15.96 2.47
N TYR B 57 -8.63 14.78 2.74
CA TYR B 57 -9.39 13.52 2.88
C TYR B 57 -8.57 12.42 3.60
N CYS B 58 -9.24 11.54 4.31
CA CYS B 58 -8.63 10.44 5.10
C CYS B 58 -9.25 9.07 4.87
N PHE B 59 -8.46 8.11 4.39
CA PHE B 59 -8.89 6.70 4.35
C PHE B 59 -8.14 5.98 5.47
N VAL B 60 -8.86 5.22 6.26
CA VAL B 60 -8.25 4.51 7.37
C VAL B 60 -8.55 3.02 7.20
N ARG B 61 -7.53 2.19 6.99
CA ARG B 61 -7.72 0.74 7.05
C ARG B 61 -7.32 0.28 8.45
N ILE B 62 -8.15 -0.54 9.04
CA ILE B 62 -7.91 -1.11 10.35
C ILE B 62 -8.15 -2.57 10.22
N THR B 63 -7.11 -3.35 10.39
CA THR B 63 -7.11 -4.79 10.23
C THR B 63 -6.90 -5.58 11.54
N SER B 64 -7.60 -6.69 11.74
CA SER B 64 -7.38 -7.54 12.90
C SER B 64 -7.70 -7.02 14.28
N ILE B 65 -9.00 -6.91 14.57
CA ILE B 65 -9.45 -6.42 15.86
C ILE B 65 -10.37 -7.48 16.46
N ASN B 72 -18.65 -3.96 18.22
CA ASN B 72 -18.75 -2.56 18.59
C ASN B 72 -17.73 -1.69 17.87
N ASN B 73 -17.55 -1.95 16.57
CA ASN B 73 -16.61 -1.20 15.75
C ASN B 73 -16.95 0.29 15.70
N SER B 74 -18.23 0.59 15.88
CA SER B 74 -18.70 2.00 15.86
C SER B 74 -17.96 2.90 16.85
N ALA B 75 -17.71 2.39 18.05
CA ALA B 75 -16.97 3.12 19.07
C ALA B 75 -15.57 3.50 18.56
N LEU B 76 -14.90 2.57 17.88
CA LEU B 76 -13.58 2.84 17.29
C LEU B 76 -13.72 3.87 16.19
N ALA B 77 -14.54 3.57 15.20
CA ALA B 77 -14.74 4.48 14.06
C ALA B 77 -15.01 5.92 14.51
N ASP B 78 -16.02 6.09 15.37
CA ASP B 78 -16.40 7.41 15.92
C ASP B 78 -15.22 8.11 16.55
N GLN B 79 -14.56 7.42 17.47
CA GLN B 79 -13.47 8.02 18.26
C GLN B 79 -12.31 8.47 17.34
N ILE B 80 -12.02 7.68 16.30
CA ILE B 80 -10.95 8.00 15.36
C ILE B 80 -11.31 9.18 14.48
N THR B 81 -12.55 9.19 14.00
CA THR B 81 -13.08 10.32 13.22
C THR B 81 -12.99 11.70 13.94
N LYS B 82 -13.19 11.71 15.26
CA LYS B 82 -12.99 12.93 16.06
C LYS B 82 -11.50 13.37 16.00
N LEU B 83 -10.60 12.42 16.33
CA LEU B 83 -9.14 12.63 16.32
C LEU B 83 -8.64 13.25 15.02
N LEU B 84 -9.02 12.62 13.91
CA LEU B 84 -8.60 13.08 12.60
C LEU B 84 -9.22 14.42 12.23
N VAL B 85 -10.53 14.57 12.46
CA VAL B 85 -11.17 15.90 12.28
C VAL B 85 -10.46 17.00 13.06
N SER B 86 -10.16 16.73 14.32
CA SER B 86 -9.48 17.68 15.18
C SER B 86 -8.02 17.94 14.76
N ASN B 87 -7.22 16.88 14.70
CA ASN B 87 -5.77 17.01 14.41
C ASN B 87 -5.40 17.33 12.98
N LEU B 88 -6.24 16.93 12.03
CA LEU B 88 -5.94 17.15 10.61
C LEU B 88 -6.72 18.31 10.00
N ASN B 89 -7.63 18.92 10.78
CA ASN B 89 -8.47 20.03 10.31
C ASN B 89 -9.23 19.72 8.99
N VAL B 90 -9.84 18.55 8.94
CA VAL B 90 -10.48 17.99 7.74
C VAL B 90 -11.96 17.87 8.03
N LYS B 91 -12.79 17.94 7.00
CA LYS B 91 -14.24 17.81 7.17
C LYS B 91 -14.63 16.35 7.32
N SER B 92 -15.46 16.05 8.31
CA SER B 92 -15.88 14.68 8.58
C SER B 92 -16.55 14.00 7.42
N ARG B 93 -17.13 14.81 6.54
CA ARG B 93 -17.76 14.29 5.33
C ARG B 93 -16.69 13.73 4.39
N ARG B 94 -15.43 14.03 4.70
CA ARG B 94 -14.31 13.60 3.87
C ARG B 94 -13.40 12.61 4.60
N ILE B 95 -14.01 11.75 5.41
CA ILE B 95 -13.26 10.74 6.15
C ILE B 95 -13.98 9.40 6.10
N TYR B 96 -13.30 8.37 5.63
CA TYR B 96 -13.95 7.04 5.50
C TYR B 96 -13.05 6.01 6.22
N VAL B 97 -13.70 5.07 6.88
CA VAL B 97 -13.06 4.14 7.78
C VAL B 97 -13.42 2.72 7.32
N GLU B 98 -12.41 1.91 6.97
CA GLU B 98 -12.63 0.54 6.53
C GLU B 98 -12.01 -0.41 7.54
N PHE B 99 -12.72 -1.48 7.85
CA PHE B 99 -12.20 -2.58 8.62
C PHE B 99 -12.00 -3.78 7.73
N ARG B 100 -10.92 -4.49 7.98
CA ARG B 100 -10.64 -5.70 7.27
C ARG B 100 -10.43 -6.83 8.22
N ASP B 101 -10.98 -7.97 7.87
CA ASP B 101 -10.78 -9.17 8.67
C ASP B 101 -10.19 -10.30 7.83
N CYS B 102 -9.29 -9.95 6.92
CA CYS B 102 -8.63 -10.95 6.12
C CYS B 102 -7.69 -11.70 7.04
N ASN B 106 -3.70 -17.71 7.00
CA ASN B 106 -3.30 -16.32 7.21
C ASN B 106 -2.54 -16.15 8.55
N PHE B 107 -1.20 -16.06 8.46
CA PHE B 107 -0.30 -16.18 9.60
C PHE B 107 0.92 -15.25 9.50
N ALA B 108 1.68 -15.17 10.58
CA ALA B 108 2.94 -14.42 10.67
C ALA B 108 4.02 -15.16 11.51
N PHE B 109 5.28 -14.89 11.18
CA PHE B 109 6.50 -15.41 11.86
C PHE B 109 7.30 -14.21 12.42
N GLY B 111 10.63 -13.12 13.87
CA GLY B 111 12.02 -12.81 14.18
C GLY B 111 12.40 -13.24 15.60
N SER B 112 12.06 -12.41 16.58
CA SER B 112 12.29 -12.77 17.98
C SER B 112 11.47 -14.02 18.33
N PRO C 1 -16.12 2.23 -4.28
CA PRO C 1 -15.32 2.64 -5.44
C PRO C 1 -13.92 3.08 -5.03
N CYS C 2 -12.90 2.37 -5.51
CA CYS C 2 -11.54 2.70 -5.20
C CYS C 2 -10.59 2.24 -6.32
N CYS C 3 -9.82 3.18 -6.87
CA CYS C 3 -8.72 2.86 -7.78
C CYS C 3 -7.36 3.27 -7.23
N GLU C 4 -6.40 2.34 -7.21
CA GLU C 4 -5.05 2.73 -6.91
C GLU C 4 -4.08 2.28 -8.00
N VAL C 5 -3.31 3.28 -8.49
CA VAL C 5 -2.22 3.10 -9.43
C VAL C 5 -0.90 3.09 -8.66
N ILE C 6 -0.15 2.00 -8.75
CA ILE C 6 1.11 1.86 -8.02
C ILE C 6 2.23 1.68 -9.05
N THR C 7 3.17 2.61 -9.05
CA THR C 7 4.15 2.75 -10.14
C THR C 7 5.49 3.44 -9.75
N ASN C 8 6.57 2.97 -10.36
CA ASN C 8 7.91 3.60 -10.27
C ASN C 8 8.11 4.75 -11.32
N VAL C 9 7.09 5.01 -12.13
CA VAL C 9 7.09 6.12 -13.05
C VAL C 9 6.73 7.42 -12.35
N ASN C 10 7.64 8.39 -12.37
CA ASN C 10 7.42 9.68 -11.73
C ASN C 10 6.80 10.65 -12.71
N LEU C 11 5.61 11.16 -12.37
CA LEU C 11 4.94 12.24 -13.09
C LEU C 11 4.77 13.50 -12.23
N PRO C 12 4.78 14.69 -12.87
CA PRO C 12 4.43 15.93 -12.18
C PRO C 12 2.97 15.92 -11.72
N ASP C 13 2.66 16.67 -10.67
CA ASP C 13 1.34 16.63 -10.04
C ASP C 13 0.19 16.96 -10.98
N ASP C 14 0.38 17.98 -11.82
CA ASP C 14 -0.65 18.39 -12.79
C ASP C 14 -1.04 17.20 -13.67
N ASN C 15 -0.03 16.45 -14.13
CA ASN C 15 -0.23 15.25 -14.97
C ASN C 15 -0.83 14.05 -14.21
N VAL C 16 -0.41 13.82 -12.97
CA VAL C 16 -1.01 12.80 -12.13
C VAL C 16 -2.52 13.03 -11.99
N GLN C 17 -2.88 14.27 -11.66
CA GLN C 17 -4.26 14.61 -11.40
C GLN C 17 -5.07 14.43 -12.65
N SER C 18 -4.50 14.77 -13.80
CA SER C 18 -5.19 14.55 -15.08
C SER C 18 -5.50 13.08 -15.29
N THR C 19 -4.50 12.23 -15.08
CA THR C 19 -4.64 10.78 -15.26
C THR C 19 -5.64 10.14 -14.34
N LEU C 20 -5.59 10.52 -13.06
CA LEU C 20 -6.56 10.04 -12.10
C LEU C 20 -7.98 10.48 -12.44
N SER C 21 -8.15 11.74 -12.86
CA SER C 21 -9.44 12.25 -13.29
C SER C 21 -9.99 11.44 -14.46
N GLN C 22 -9.14 11.13 -15.43
CA GLN C 22 -9.54 10.29 -16.56
C GLN C 22 -9.98 8.87 -16.18
N ILE C 23 -9.33 8.31 -15.19
CA ILE C 23 -9.68 6.96 -14.73
C ILE C 23 -11.01 6.97 -13.98
N GLU C 24 -11.21 7.97 -13.13
CA GLU C 24 -12.47 8.10 -12.38
C GLU C 24 -13.61 8.16 -13.36
N ASN C 25 -13.43 8.98 -14.40
CA ASN C 25 -14.39 9.07 -15.48
C ASN C 25 -14.66 7.67 -16.01
N ALA C 26 -13.61 6.95 -16.36
CA ALA C 26 -13.74 5.55 -16.81
C ALA C 26 -14.54 4.68 -15.78
N ILE C 27 -14.05 4.61 -14.54
CA ILE C 27 -14.68 3.91 -13.41
C ILE C 27 -15.90 4.68 -12.97
N ASP C 29 -18.15 6.30 -16.64
CA ASP C 29 -19.32 5.74 -17.34
C ASP C 29 -19.50 4.30 -16.91
N VAL C 30 -18.43 3.52 -16.94
CA VAL C 30 -18.54 2.06 -16.91
C VAL C 30 -19.34 1.48 -15.72
N MET C 31 -19.26 2.10 -14.52
CA MET C 31 -20.08 1.64 -13.37
C MET C 31 -20.23 2.66 -12.24
N LEU C 35 -18.86 8.89 -10.80
CA LEU C 35 -19.66 9.20 -9.62
C LEU C 35 -18.99 10.25 -8.75
N GLY C 36 -19.65 10.63 -7.67
CA GLY C 36 -19.12 11.64 -6.76
C GLY C 36 -18.41 10.98 -5.59
N TYR C 37 -18.79 9.75 -5.30
CA TYR C 37 -18.18 8.99 -4.20
C TYR C 37 -17.19 7.97 -4.75
N ILE C 38 -15.90 8.33 -4.73
CA ILE C 38 -14.84 7.47 -5.25
C ILE C 38 -13.47 7.93 -4.79
N MET C 39 -12.61 6.99 -4.33
CA MET C 39 -11.17 7.21 -4.12
C MET C 39 -10.37 6.85 -5.37
N SER C 40 -9.37 7.65 -5.67
CA SER C 40 -8.31 7.24 -6.58
C SER C 40 -7.00 7.68 -6.00
N ASN C 41 -5.92 6.97 -6.30
CA ASN C 41 -4.61 7.43 -5.87
C ASN C 41 -3.51 6.98 -6.80
N TYR C 42 -2.47 7.80 -6.87
N TYR C 42 -2.47 7.81 -6.90
CA TYR C 42 -1.27 7.52 -7.62
CA TYR C 42 -1.25 7.54 -7.66
C TYR C 42 -0.13 7.46 -6.61
C TYR C 42 -0.10 7.47 -6.65
N ASP C 43 0.32 6.24 -6.33
CA ASP C 43 1.38 5.99 -5.36
C ASP C 43 2.73 5.75 -6.07
N TYR C 44 3.62 6.73 -5.93
CA TYR C 44 4.97 6.63 -6.50
C TYR C 44 5.95 5.81 -5.62
N GLN C 45 6.30 4.62 -6.12
CA GLN C 45 7.29 3.73 -5.49
C GLN C 45 8.46 3.47 -6.44
N LYS C 46 9.49 4.30 -6.42
CA LYS C 46 10.61 4.16 -7.33
C LYS C 46 11.14 2.75 -7.37
N ASN C 47 11.19 2.09 -6.23
CA ASN C 47 11.83 0.82 -6.17
C ASN C 47 10.99 -0.36 -6.48
N LEU C 48 9.86 -0.09 -7.04
CA LEU C 48 8.94 -1.09 -7.45
C LEU C 48 9.58 -1.91 -8.60
N ARG C 49 9.48 -3.24 -8.48
CA ARG C 49 9.96 -4.16 -9.49
C ARG C 49 8.85 -5.07 -10.05
N PHE C 50 9.06 -5.52 -11.28
CA PHE C 50 8.30 -6.63 -11.86
C PHE C 50 9.16 -7.36 -12.88
N GLY C 51 9.06 -8.70 -12.87
CA GLY C 51 9.88 -9.52 -13.76
C GLY C 51 11.38 -9.48 -13.51
N GLY C 52 11.75 -9.22 -12.26
CA GLY C 52 13.14 -9.02 -11.89
C GLY C 52 13.75 -7.68 -12.29
N SER C 53 12.91 -6.72 -12.69
CA SER C 53 13.39 -5.47 -13.30
C SER C 53 12.67 -4.24 -12.73
N ASN C 54 13.44 -3.18 -12.48
CA ASN C 54 12.95 -1.91 -11.94
C ASN C 54 12.60 -0.87 -13.02
N GLU C 55 12.38 -1.29 -14.24
CA GLU C 55 12.05 -0.31 -15.25
C GLU C 55 10.58 -0.16 -15.26
N ALA C 56 10.12 0.88 -15.92
CA ALA C 56 8.78 1.44 -15.74
C ALA C 56 7.70 0.36 -15.74
N TYR C 57 6.77 0.48 -14.79
CA TYR C 57 5.72 -0.53 -14.56
C TYR C 57 4.53 0.05 -13.74
N CYS C 58 3.33 -0.47 -13.98
CA CYS C 58 2.10 0.01 -13.36
CA CYS C 58 2.12 0.02 -13.35
C CYS C 58 1.26 -1.12 -12.82
N PHE C 59 1.03 -1.14 -11.51
CA PHE C 59 0.02 -2.04 -10.94
C PHE C 59 -1.20 -1.19 -10.64
N VAL C 60 -2.39 -1.65 -11.04
CA VAL C 60 -3.62 -0.95 -10.76
C VAL C 60 -4.61 -1.89 -10.01
N ARG C 61 -4.93 -1.57 -8.77
CA ARG C 61 -6.01 -2.29 -8.09
C ARG C 61 -7.30 -1.45 -8.22
N ILE C 62 -8.36 -2.05 -8.75
CA ILE C 62 -9.72 -1.45 -8.80
C ILE C 62 -10.65 -2.31 -7.94
N THR C 63 -11.38 -1.66 -7.02
CA THR C 63 -12.28 -2.33 -6.06
C THR C 63 -13.74 -1.93 -6.27
N SER C 64 -14.65 -2.92 -6.25
CA SER C 64 -16.12 -2.68 -6.35
C SER C 64 -16.56 -2.34 -7.76
N ILE C 68 -19.36 -3.34 -12.07
CA ILE C 68 -18.16 -3.92 -12.69
C ILE C 68 -18.14 -5.50 -12.60
N ASN C 69 -18.38 -6.17 -13.74
N ASN C 69 -18.36 -6.17 -13.74
CA ASN C 69 -18.51 -7.64 -13.79
CA ASN C 69 -18.38 -7.63 -13.83
C ASN C 69 -18.54 -8.15 -15.25
C ASN C 69 -18.26 -8.11 -15.28
N ASN C 72 -18.34 -6.17 -18.65
CA ASN C 72 -17.93 -4.77 -18.38
C ASN C 72 -16.44 -4.60 -18.16
N ASN C 73 -15.84 -5.50 -17.38
CA ASN C 73 -14.46 -5.35 -16.88
C ASN C 73 -13.38 -5.13 -17.93
N SER C 74 -13.52 -5.77 -19.08
CA SER C 74 -12.57 -5.62 -20.20
C SER C 74 -12.55 -4.19 -20.76
N ALA C 75 -13.74 -3.61 -20.90
CA ALA C 75 -13.87 -2.26 -21.39
C ALA C 75 -13.13 -1.30 -20.48
N LEU C 76 -13.23 -1.51 -19.16
CA LEU C 76 -12.51 -0.68 -18.20
C LEU C 76 -11.03 -0.93 -18.37
N ALA C 77 -10.60 -2.18 -18.23
CA ALA C 77 -9.18 -2.50 -18.31
C ALA C 77 -8.50 -1.91 -19.53
N ASP C 78 -9.10 -2.15 -20.70
CA ASP C 78 -8.63 -1.63 -21.99
C ASP C 78 -8.44 -0.12 -21.93
N GLN C 79 -9.50 0.55 -21.53
CA GLN C 79 -9.55 2.00 -21.50
C GLN C 79 -8.46 2.56 -20.62
N ILE C 80 -8.26 1.92 -19.47
CA ILE C 80 -7.26 2.29 -18.48
C ILE C 80 -5.86 2.08 -19.04
N THR C 81 -5.64 0.92 -19.66
CA THR C 81 -4.36 0.57 -20.28
C THR C 81 -3.92 1.58 -21.35
N LYS C 82 -4.86 2.14 -22.10
CA LYS C 82 -4.57 3.24 -23.04
C LYS C 82 -4.07 4.47 -22.27
N LEU C 83 -4.86 4.91 -21.29
CA LEU C 83 -4.56 6.10 -20.46
C LEU C 83 -3.16 6.07 -19.88
N LEU C 84 -2.83 4.95 -19.23
CA LEU C 84 -1.52 4.77 -18.59
C LEU C 84 -0.39 4.66 -19.62
N VAL C 85 -0.57 3.86 -20.69
CA VAL C 85 0.43 3.75 -21.77
C VAL C 85 0.70 5.14 -22.37
N SER C 86 -0.36 5.92 -22.63
CA SER C 86 -0.24 7.29 -23.20
C SER C 86 0.24 8.38 -22.23
N ASN C 87 -0.30 8.42 -21.01
CA ASN C 87 0.15 9.41 -20.04
C ASN C 87 1.43 9.10 -19.31
N LEU C 88 1.75 7.81 -19.13
CA LEU C 88 2.95 7.42 -18.38
C LEU C 88 4.11 6.95 -19.30
N ASN C 89 3.88 6.88 -20.62
CA ASN C 89 4.90 6.47 -21.58
C ASN C 89 5.59 5.20 -21.06
N VAL C 90 4.76 4.19 -20.81
CA VAL C 90 5.20 2.88 -20.33
C VAL C 90 4.75 1.84 -21.34
N LYS C 91 5.46 0.72 -21.42
CA LYS C 91 5.10 -0.36 -22.36
C LYS C 91 3.86 -1.10 -21.80
N SER C 92 2.92 -1.46 -22.67
CA SER C 92 1.68 -2.12 -22.24
C SER C 92 1.94 -3.53 -21.72
N ARG C 93 3.10 -4.09 -22.03
CA ARG C 93 3.49 -5.39 -21.50
C ARG C 93 3.99 -5.26 -20.06
N ARG C 94 3.95 -4.03 -19.55
CA ARG C 94 4.41 -3.76 -18.18
C ARG C 94 3.30 -3.12 -17.35
N ILE C 95 2.06 -3.44 -17.69
CA ILE C 95 0.90 -2.93 -16.99
C ILE C 95 0.16 -4.19 -16.54
N TYR C 96 -0.15 -4.24 -15.24
CA TYR C 96 -1.05 -5.22 -14.71
C TYR C 96 -2.25 -4.48 -14.12
N VAL C 97 -3.46 -5.00 -14.39
CA VAL C 97 -4.72 -4.44 -13.88
C VAL C 97 -5.42 -5.54 -13.11
N GLU C 98 -5.65 -5.30 -11.82
CA GLU C 98 -6.38 -6.28 -10.96
C GLU C 98 -7.68 -5.66 -10.51
N PHE C 99 -8.75 -6.44 -10.59
CA PHE C 99 -10.04 -6.13 -9.96
C PHE C 99 -10.32 -6.98 -8.74
N ARG C 100 -10.79 -6.33 -7.68
CA ARG C 100 -11.38 -7.05 -6.56
C ARG C 100 -12.88 -6.78 -6.66
N ASP C 101 -13.68 -7.83 -6.53
CA ASP C 101 -15.15 -7.74 -6.57
C ASP C 101 -15.67 -8.52 -5.36
N ALA C 108 -16.82 -0.41 6.72
CA ALA C 108 -17.05 0.96 6.23
C ALA C 108 -18.38 1.56 6.71
CAL 2OE D . 1.44 -11.24 -9.51
CAQ 2OE D . 1.76 -10.10 -10.22
OAB 2OE D . 2.57 -10.13 -11.29
CAG 2OE D . 1.21 -8.92 -9.80
CAF 2OE D . 0.37 -8.91 -8.69
CAH 2OE D . 0.04 -10.06 -7.96
CAR 2OE D . 0.59 -11.23 -8.41
OAO 2OE D . 0.35 -12.36 -7.76
CAS 2OE D . -0.90 -12.79 -7.95
CAM 2OE D . -1.93 -12.29 -7.18
CAK 2OE D . -1.21 -13.76 -8.87
CAP 2OE D . -2.51 -14.20 -9.01
CAA 2OE D . -2.77 -15.16 -9.95
NAN 2OE D . -3.48 -13.68 -8.26
CAU 2OE D . -3.22 -12.75 -7.36
CAT 2OE D . -4.19 -12.21 -6.54
CAI 2OE D . -4.36 -10.85 -6.48
CAD 2OE D . -5.31 -10.29 -5.64
CAC 2OE D . -6.06 -11.14 -4.86
CAE 2OE D . -5.88 -12.51 -4.90
CAJ 2OE D . -4.94 -13.05 -5.74
#